data_7QFL
#
_entry.id   7QFL
#
_cell.length_a   55.851
_cell.length_b   55.851
_cell.length_c   63.732
_cell.angle_alpha   90.000
_cell.angle_beta   90.000
_cell.angle_gamma   120.000
#
_symmetry.space_group_name_H-M   'P 31 2 1'
#
loop_
_entity.id
_entity.type
_entity.pdbx_description
1 polymer 'S-layer protein'
2 non-polymer 'PHOSPHATE ION'
3 non-polymer 'ACETATE ION'
4 water water
#
_entity_poly.entity_id   1
_entity_poly.type   'polypeptide(L)'
_entity_poly.pdbx_seq_one_letter_code
;MGHHHHHHHHHHSSGHIEGRMGNVNFYDVTSGATVTNGAVSVNADNQGQVNVANVVAAINSKYFAAQYADKKLNTRTANT
EDAIKAALKDQKIDVNSVGYFKAPHTFTVNVKATSNTNGKSATLPVVVTVPN
;
_entity_poly.pdbx_strand_id   A
#
# COMPACT_ATOMS: atom_id res chain seq x y z
N ASN A 23 8.09 -15.07 11.67
CA ASN A 23 6.81 -14.44 11.20
C ASN A 23 7.06 -13.61 9.93
N VAL A 24 5.97 -13.23 9.27
CA VAL A 24 6.09 -12.20 8.18
C VAL A 24 6.21 -10.83 8.85
N ASN A 25 7.08 -10.00 8.28
CA ASN A 25 7.20 -8.58 8.68
C ASN A 25 7.33 -7.74 7.41
N PHE A 26 7.05 -6.47 7.53
CA PHE A 26 7.29 -5.49 6.47
C PHE A 26 8.52 -4.67 6.77
N TYR A 27 9.15 -4.27 5.69
CA TYR A 27 10.44 -3.57 5.64
C TYR A 27 10.40 -2.47 4.61
N ASP A 28 11.23 -1.48 4.81
CA ASP A 28 11.52 -0.43 3.84
C ASP A 28 12.43 -0.99 2.75
N VAL A 29 12.09 -0.89 1.49
CA VAL A 29 12.91 -1.42 0.38
C VAL A 29 14.30 -0.81 0.41
N THR A 30 14.38 0.48 0.55
CA THR A 30 15.64 1.24 0.35
C THR A 30 16.54 1.15 1.56
N SER A 31 16.04 1.10 2.78
CA SER A 31 16.88 1.14 4.00
C SER A 31 16.99 -0.24 4.63
N GLY A 32 16.02 -1.10 4.38
CA GLY A 32 15.94 -2.42 5.02
C GLY A 32 15.33 -2.41 6.40
N ALA A 33 15.01 -1.24 6.96
CA ALA A 33 14.47 -1.18 8.32
C ALA A 33 13.10 -1.85 8.44
N THR A 34 12.79 -2.49 9.53
CA THR A 34 11.46 -3.02 9.83
C THR A 34 10.49 -1.85 9.98
N VAL A 35 9.27 -1.98 9.45
CA VAL A 35 8.25 -0.88 9.51
C VAL A 35 7.00 -1.49 10.09
N THR A 36 6.38 -0.81 11.06
CA THR A 36 5.09 -1.18 11.70
C THR A 36 3.92 -0.44 11.04
N ASN A 37 4.08 0.89 10.84
CA ASN A 37 3.08 1.71 10.11
C ASN A 37 3.82 2.49 9.03
N GLY A 38 3.30 2.38 7.81
CA GLY A 38 3.88 3.07 6.68
C GLY A 38 3.15 4.33 6.30
N ALA A 39 3.74 5.08 5.36
CA ALA A 39 3.09 6.30 4.86
C ALA A 39 3.65 6.61 3.50
N VAL A 40 2.81 7.03 2.57
CA VAL A 40 3.21 7.42 1.21
C VAL A 40 2.41 8.61 0.77
N SER A 41 2.87 9.25 -0.29
N SER A 41 2.85 9.21 -0.30
CA SER A 41 2.18 10.38 -0.97
CA SER A 41 2.06 10.27 -0.97
C SER A 41 1.97 9.99 -2.45
C SER A 41 1.91 9.87 -2.43
N VAL A 42 0.80 10.29 -3.00
CA VAL A 42 0.44 9.99 -4.39
C VAL A 42 -0.16 11.26 -4.98
N ASN A 43 0.24 11.62 -6.18
CA ASN A 43 -0.31 12.84 -6.84
C ASN A 43 -1.63 12.55 -7.56
N ALA A 44 -2.55 13.47 -7.46
CA ALA A 44 -3.76 13.45 -8.28
C ALA A 44 -3.50 14.23 -9.55
N ASP A 45 -4.36 14.04 -10.54
CA ASP A 45 -4.40 14.97 -11.70
C ASP A 45 -5.14 16.23 -11.28
N ASN A 46 -5.32 17.18 -12.21
CA ASN A 46 -5.80 18.52 -11.79
C ASN A 46 -7.28 18.45 -11.45
N GLN A 47 -7.94 17.34 -11.76
CA GLN A 47 -9.36 17.13 -11.40
C GLN A 47 -9.49 16.30 -10.11
N GLY A 48 -8.39 15.98 -9.42
CA GLY A 48 -8.57 15.22 -8.17
C GLY A 48 -8.78 13.75 -8.44
N GLN A 49 -8.35 13.24 -9.60
CA GLN A 49 -8.52 11.80 -9.89
C GLN A 49 -7.18 11.09 -9.69
N VAL A 50 -7.24 9.87 -9.24
CA VAL A 50 -6.07 8.99 -9.01
C VAL A 50 -6.38 7.63 -9.61
N ASN A 51 -5.37 6.93 -10.07
CA ASN A 51 -5.48 5.55 -10.52
C ASN A 51 -4.90 4.63 -9.44
N VAL A 52 -5.57 3.54 -9.14
CA VAL A 52 -5.07 2.54 -8.17
C VAL A 52 -3.67 2.11 -8.53
N ALA A 53 -3.32 1.98 -9.79
CA ALA A 53 -1.96 1.53 -10.17
C ALA A 53 -0.90 2.46 -9.59
N ASN A 54 -1.17 3.73 -9.50
CA ASN A 54 -0.17 4.66 -8.94
C ASN A 54 -0.06 4.51 -7.43
N VAL A 55 -1.16 4.14 -6.77
CA VAL A 55 -1.14 3.89 -5.32
C VAL A 55 -0.39 2.60 -5.04
N VAL A 56 -0.66 1.55 -5.83
CA VAL A 56 0.07 0.28 -5.69
C VAL A 56 1.56 0.54 -5.89
N ALA A 57 1.95 1.29 -6.90
CA ALA A 57 3.38 1.61 -7.14
C ALA A 57 3.99 2.35 -5.97
N ALA A 58 3.30 3.30 -5.39
CA ALA A 58 3.85 4.10 -4.28
C ALA A 58 4.10 3.18 -3.10
N ILE A 59 3.17 2.33 -2.79
CA ILE A 59 3.28 1.43 -1.61
C ILE A 59 4.37 0.38 -1.86
N ASN A 60 4.27 -0.33 -2.97
CA ASN A 60 5.12 -1.53 -3.21
C ASN A 60 6.52 -1.08 -3.57
N SER A 61 6.77 0.11 -4.05
CA SER A 61 8.13 0.56 -4.31
C SER A 61 8.81 0.91 -3.00
N LYS A 62 8.03 1.24 -1.96
CA LYS A 62 8.60 1.74 -0.69
C LYS A 62 8.69 0.61 0.31
N TYR A 63 7.77 -0.33 0.36
CA TYR A 63 7.67 -1.36 1.40
C TYR A 63 7.55 -2.73 0.76
N PHE A 64 8.14 -3.71 1.41
CA PHE A 64 8.01 -5.13 1.01
C PHE A 64 7.82 -5.98 2.26
N ALA A 65 7.23 -7.16 2.06
CA ALA A 65 7.01 -8.14 3.13
C ALA A 65 7.98 -9.29 2.94
N ALA A 66 8.42 -9.86 4.03
CA ALA A 66 9.34 -11.02 3.93
C ALA A 66 9.25 -11.83 5.22
N GLN A 67 9.72 -13.08 5.09
CA GLN A 67 9.80 -14.04 6.20
C GLN A 67 11.23 -14.54 6.22
N TYR A 68 11.88 -14.57 7.40
N TYR A 68 11.81 -14.65 7.39
CA TYR A 68 13.17 -15.25 7.56
CA TYR A 68 13.19 -15.12 7.59
C TYR A 68 12.95 -16.75 7.48
C TYR A 68 13.19 -16.65 7.67
N ALA A 69 13.79 -17.35 6.68
CA ALA A 69 13.93 -18.82 6.66
C ALA A 69 15.21 -19.16 5.91
N ASP A 70 15.88 -20.24 6.31
CA ASP A 70 17.15 -20.68 5.69
C ASP A 70 18.18 -19.53 5.73
N LYS A 71 18.17 -18.73 6.79
CA LYS A 71 19.12 -17.64 7.09
C LYS A 71 19.01 -16.51 6.07
N LYS A 72 17.87 -16.38 5.40
CA LYS A 72 17.70 -15.20 4.53
C LYS A 72 16.28 -14.67 4.65
N LEU A 73 16.07 -13.43 4.22
CA LEU A 73 14.72 -12.89 4.09
C LEU A 73 14.17 -13.32 2.76
N ASN A 74 13.00 -13.91 2.78
CA ASN A 74 12.24 -14.44 1.63
C ASN A 74 11.03 -13.53 1.44
N THR A 75 10.92 -12.92 0.27
CA THR A 75 9.80 -12.00 0.01
C THR A 75 8.48 -12.74 -0.08
N ARG A 76 7.41 -12.07 0.33
CA ARG A 76 6.03 -12.59 0.33
C ARG A 76 5.19 -11.55 -0.41
N THR A 77 4.35 -11.97 -1.33
CA THR A 77 3.45 -11.10 -2.14
C THR A 77 2.40 -10.45 -1.24
N ALA A 78 2.27 -9.12 -1.35
CA ALA A 78 1.27 -8.36 -0.59
C ALA A 78 0.01 -8.22 -1.43
N ASN A 79 -1.15 -8.05 -0.79
CA ASN A 79 -2.43 -7.90 -1.49
C ASN A 79 -2.74 -6.42 -1.79
N THR A 80 -1.75 -5.62 -2.19
CA THR A 80 -1.86 -4.16 -2.17
C THR A 80 -3.05 -3.67 -2.98
N GLU A 81 -3.23 -4.11 -4.23
CA GLU A 81 -4.34 -3.57 -5.05
C GLU A 81 -5.68 -3.86 -4.33
N ASP A 82 -5.86 -5.10 -3.88
CA ASP A 82 -7.15 -5.45 -3.22
C ASP A 82 -7.32 -4.62 -1.95
N ALA A 83 -6.23 -4.40 -1.21
CA ALA A 83 -6.30 -3.67 0.05
C ALA A 83 -6.67 -2.22 -0.22
N ILE A 84 -6.14 -1.61 -1.28
CA ILE A 84 -6.50 -0.23 -1.62
C ILE A 84 -8.00 -0.14 -1.94
N LYS A 85 -8.48 -1.00 -2.79
CA LYS A 85 -9.90 -0.98 -3.21
C LYS A 85 -10.77 -1.20 -1.97
N ALA A 86 -10.39 -2.09 -1.06
CA ALA A 86 -11.16 -2.35 0.19
C ALA A 86 -11.16 -1.11 1.09
N ALA A 87 -10.03 -0.43 1.23
CA ALA A 87 -9.96 0.78 2.06
C ALA A 87 -10.86 1.87 1.46
N LEU A 88 -10.84 2.02 0.15
CA LEU A 88 -11.69 3.05 -0.45
C LEU A 88 -13.15 2.68 -0.32
N LYS A 89 -13.48 1.44 -0.44
CA LYS A 89 -14.89 1.02 -0.28
C LYS A 89 -15.32 1.25 1.15
N ASP A 90 -14.45 1.08 2.14
CA ASP A 90 -14.83 1.36 3.54
C ASP A 90 -15.12 2.85 3.72
N GLN A 91 -14.51 3.74 2.95
CA GLN A 91 -14.74 5.20 2.91
C GLN A 91 -15.87 5.56 1.89
N LYS A 92 -16.56 4.60 1.35
CA LYS A 92 -17.70 4.77 0.41
C LYS A 92 -17.22 5.44 -0.89
N ILE A 93 -16.02 5.08 -1.34
CA ILE A 93 -15.44 5.53 -2.62
C ILE A 93 -15.27 4.35 -3.53
N ASP A 94 -15.88 4.44 -4.72
CA ASP A 94 -15.80 3.43 -5.76
C ASP A 94 -14.65 3.70 -6.71
N VAL A 95 -14.19 2.63 -7.30
CA VAL A 95 -13.13 2.62 -8.33
C VAL A 95 -13.73 2.02 -9.59
N ASN A 96 -13.49 2.62 -10.74
CA ASN A 96 -14.04 2.09 -12.01
C ASN A 96 -13.17 0.96 -12.59
N SER A 97 -13.61 0.36 -13.66
CA SER A 97 -13.05 -0.90 -14.14
C SER A 97 -11.58 -0.71 -14.51
N VAL A 98 -11.12 0.47 -14.85
CA VAL A 98 -9.71 0.71 -15.27
C VAL A 98 -8.94 1.43 -14.16
N GLY A 99 -9.47 1.51 -12.96
CA GLY A 99 -8.71 1.87 -11.78
C GLY A 99 -8.85 3.30 -11.32
N TYR A 100 -9.67 4.16 -11.90
CA TYR A 100 -9.76 5.55 -11.46
C TYR A 100 -10.80 5.75 -10.36
N PHE A 101 -10.47 6.69 -9.51
CA PHE A 101 -11.34 7.12 -8.40
C PHE A 101 -11.05 8.54 -8.02
N LYS A 102 -11.97 9.17 -7.29
CA LYS A 102 -11.78 10.50 -6.68
C LYS A 102 -11.23 10.29 -5.28
N ALA A 103 -9.96 10.67 -5.10
CA ALA A 103 -9.29 10.40 -3.83
C ALA A 103 -9.81 11.32 -2.72
N PRO A 104 -9.88 10.77 -1.50
CA PRO A 104 -9.94 11.59 -0.31
C PRO A 104 -8.53 12.18 -0.10
N HIS A 105 -8.44 13.16 0.76
CA HIS A 105 -7.11 13.75 1.05
C HIS A 105 -6.16 12.71 1.64
N THR A 106 -6.64 11.92 2.58
N THR A 106 -6.58 11.98 2.69
CA THR A 106 -5.75 10.92 3.17
CA THR A 106 -5.74 10.96 3.36
C THR A 106 -6.61 9.74 3.56
C THR A 106 -6.55 9.74 3.74
N PHE A 107 -6.07 8.53 3.43
CA PHE A 107 -6.77 7.30 3.79
C PHE A 107 -5.74 6.26 4.16
N THR A 108 -6.16 5.29 4.92
CA THR A 108 -5.27 4.23 5.40
C THR A 108 -5.56 2.92 4.70
N VAL A 109 -4.54 2.28 4.18
CA VAL A 109 -4.65 0.96 3.49
C VAL A 109 -4.02 -0.10 4.37
N ASN A 110 -4.74 -1.18 4.66
CA ASN A 110 -4.17 -2.29 5.49
C ASN A 110 -3.60 -3.35 4.58
N VAL A 111 -2.31 -3.23 4.26
CA VAL A 111 -1.66 -4.17 3.31
C VAL A 111 -1.35 -5.48 4.04
N LYS A 112 -1.73 -6.60 3.44
CA LYS A 112 -1.52 -7.94 4.09
C LYS A 112 -0.61 -8.81 3.24
N ALA A 113 0.26 -9.56 3.93
CA ALA A 113 1.10 -10.61 3.32
C ALA A 113 1.02 -11.85 4.22
N THR A 114 0.99 -13.03 3.62
CA THR A 114 0.76 -14.29 4.38
C THR A 114 2.00 -15.19 4.48
N SER A 115 2.11 -15.91 5.60
CA SER A 115 2.98 -17.09 5.88
C SER A 115 2.24 -18.38 5.50
N ALA A 122 0.99 -10.94 8.24
CA ALA A 122 1.26 -9.60 8.78
C ALA A 122 0.43 -8.56 7.99
N THR A 123 0.06 -7.52 8.73
CA THR A 123 -0.64 -6.34 8.17
C THR A 123 0.23 -5.12 8.37
N LEU A 124 0.39 -4.34 7.32
CA LEU A 124 1.05 -3.01 7.36
C LEU A 124 -0.01 -1.96 7.05
N PRO A 125 -0.48 -1.19 8.05
CA PRO A 125 -1.26 0.01 7.74
C PRO A 125 -0.38 1.02 7.04
N VAL A 126 -0.84 1.54 5.92
CA VAL A 126 -0.09 2.57 5.15
C VAL A 126 -0.99 3.78 4.97
N VAL A 127 -0.55 4.92 5.49
CA VAL A 127 -1.30 6.18 5.31
C VAL A 127 -0.98 6.74 3.94
N VAL A 128 -1.95 6.92 3.09
CA VAL A 128 -1.81 7.44 1.71
C VAL A 128 -2.38 8.85 1.70
N THR A 129 -1.56 9.84 1.44
CA THR A 129 -2.02 11.23 1.26
C THR A 129 -1.93 11.60 -0.20
N VAL A 130 -3.00 12.22 -0.70
CA VAL A 130 -3.11 12.75 -2.07
C VAL A 130 -3.18 14.25 -1.92
N PRO A 131 -2.06 14.97 -2.05
CA PRO A 131 -2.14 16.41 -1.85
C PRO A 131 -3.24 17.08 -2.70
#